data_9RE3
#
_entry.id   9RE3
#
_cell.length_a   52.398
_cell.length_b   72.624
_cell.length_c   98.995
_cell.angle_alpha   90.000
_cell.angle_beta   90.000
_cell.angle_gamma   90.000
#
_symmetry.space_group_name_H-M   'P 21 21 21'
#
loop_
_entity.id
_entity.type
_entity.pdbx_description
1 polymer 'cAMP-dependent protein kinase catalytic subunit alpha'
2 non-polymer 'DIMETHYL SULFOXIDE'
3 non-polymer 2-(4-methoxyphenyl)-5-[(3~{S})-pyrrolidin-3-yl]-1,3,4-oxadiazole
4 water water
#
_entity_poly.entity_id   1
_entity_poly.type   'polypeptide(L)'
_entity_poly.pdbx_seq_one_letter_code
;GHMGNAAAAKKGSEQESVKEFLAKAKEEFLKKWESPSQNTAQLDHFDRIKTLGTGSFGRVMLVKHKETGNHYAMKILDKQ
KVVKLKQIEHTLNEKRILQAVNFPFLVKLEFSFKDNSNLYMVMEYVPGGEMFSHLRRIGRF(SEP)EPHARFYAAQIVLT
FEYLHSLDLIYRDLKPENLLIDQQGYIQVTDFGFAKRVKGRTW(TPO)LCGTPEYLAPEIILSKGYNKAVDWWALGVLIY
EMAAGYPPFFADQPIQIYEKIVSGKVRFPSHFSSDLKDLLRNLLQVDLTKRFGNLKNGVNDIKNHKWFATTDWIAIYQRK
VEAPFIPKFKGPGDTSNFDDYEEEEIRV(SEP)INEKCGKEFTEF
;
_entity_poly.pdbx_strand_id   A
#
loop_
_chem_comp.id
_chem_comp.type
_chem_comp.name
_chem_comp.formula
A1JE0 non-polymer 2-(4-methoxyphenyl)-5-[(3~{S})-pyrrolidin-3-yl]-1,3,4-oxadiazole 'C13 H15 N3 O2'
DMS non-polymer 'DIMETHYL SULFOXIDE' 'C2 H6 O S'
#
# COMPACT_ATOMS: atom_id res chain seq x y z
N GLU A 14 -5.87 -24.08 11.08
CA GLU A 14 -5.64 -22.90 11.90
C GLU A 14 -6.51 -22.96 13.15
N GLN A 15 -6.16 -22.16 14.16
CA GLN A 15 -6.94 -22.15 15.38
C GLN A 15 -8.28 -21.47 15.13
N GLU A 16 -9.28 -21.91 15.90
CA GLU A 16 -10.63 -21.39 15.72
C GLU A 16 -10.70 -19.91 16.06
N SER A 17 -9.79 -19.41 16.91
CA SER A 17 -9.79 -17.97 17.19
C SER A 17 -9.40 -17.15 15.96
N VAL A 18 -8.49 -17.66 15.12
CA VAL A 18 -8.14 -16.97 13.87
C VAL A 18 -9.28 -17.03 12.87
N LYS A 19 -9.91 -18.21 12.72
CA LYS A 19 -11.06 -18.36 11.84
C LYS A 19 -12.22 -17.45 12.27
N GLU A 20 -12.49 -17.37 13.57
CA GLU A 20 -13.63 -16.53 13.95
C GLU A 20 -13.30 -15.06 13.77
N PHE A 21 -12.04 -14.66 13.99
CA PHE A 21 -11.65 -13.26 13.78
C PHE A 21 -11.85 -12.84 12.33
N LEU A 22 -11.47 -13.70 11.37
CA LEU A 22 -11.57 -13.35 9.95
C LEU A 22 -13.03 -13.39 9.46
N ALA A 23 -13.86 -14.29 10.06
CA ALA A 23 -15.28 -14.29 9.70
C ALA A 23 -16.00 -13.01 10.15
N LYS A 24 -15.69 -12.52 11.35
CA LYS A 24 -16.23 -11.23 11.79
C LYS A 24 -15.68 -10.08 10.96
N ALA A 25 -14.39 -10.12 10.60
CA ALA A 25 -13.84 -9.01 9.78
C ALA A 25 -14.56 -8.89 8.44
N LYS A 26 -14.85 -10.02 7.78
CA LYS A 26 -15.57 -10.00 6.50
C LYS A 26 -17.02 -9.53 6.65
N GLU A 27 -17.73 -9.96 7.72
CA GLU A 27 -19.07 -9.44 8.02
C GLU A 27 -19.10 -7.91 8.09
N GLU A 28 -18.17 -7.32 8.86
CA GLU A 28 -18.16 -5.86 9.08
C GLU A 28 -17.79 -5.10 7.78
N PHE A 29 -16.85 -5.66 7.01
CA PHE A 29 -16.53 -5.09 5.69
C PHE A 29 -17.75 -5.09 4.74
N LEU A 30 -18.47 -6.21 4.66
CA LEU A 30 -19.55 -6.29 3.67
C LEU A 30 -20.69 -5.32 3.99
N LYS A 31 -20.96 -5.07 5.27
CA LYS A 31 -22.03 -4.12 5.61
C LYS A 31 -21.72 -2.71 5.07
N LYS A 32 -20.47 -2.23 5.25
CA LYS A 32 -20.08 -0.93 4.71
C LYS A 32 -19.92 -0.93 3.18
N TRP A 33 -19.47 -2.05 2.59
CA TRP A 33 -19.28 -2.19 1.14
C TRP A 33 -20.61 -2.04 0.40
N GLU A 34 -21.66 -2.63 0.98
CA GLU A 34 -22.98 -2.62 0.37
C GLU A 34 -23.70 -1.28 0.54
N SER A 35 -23.32 -0.44 1.53
CA SER A 35 -23.96 0.86 1.75
CA SER A 35 -23.96 0.85 1.77
C SER A 35 -22.90 1.91 2.05
N PRO A 36 -22.19 2.38 1.03
CA PRO A 36 -21.04 3.28 1.29
C PRO A 36 -21.43 4.68 1.79
N SER A 37 -20.56 5.25 2.64
N SER A 37 -20.54 5.25 2.63
CA SER A 37 -20.75 6.64 3.06
CA SER A 37 -20.68 6.63 3.05
C SER A 37 -20.32 7.60 1.95
C SER A 37 -20.33 7.60 1.91
N GLN A 38 -20.97 8.79 1.92
CA GLN A 38 -20.77 9.80 0.88
C GLN A 38 -20.93 11.19 1.49
N ASN A 39 -20.17 12.17 0.94
CA ASN A 39 -20.39 13.61 1.18
C ASN A 39 -20.35 13.98 2.67
N THR A 40 -19.27 13.63 3.35
CA THR A 40 -19.23 13.80 4.77
C THR A 40 -18.41 15.02 5.26
N ALA A 41 -17.86 15.86 4.36
CA ALA A 41 -17.41 17.24 4.73
C ALA A 41 -17.43 18.14 3.46
N GLN A 42 -16.78 19.32 3.54
CA GLN A 42 -16.57 20.13 2.35
C GLN A 42 -15.26 20.92 2.47
N LEU A 43 -14.80 21.49 1.33
CA LEU A 43 -13.42 22.05 1.29
C LEU A 43 -13.21 23.20 2.28
N ASP A 44 -14.17 24.14 2.39
CA ASP A 44 -13.94 25.27 3.27
C ASP A 44 -14.13 24.95 4.77
N HIS A 45 -14.26 23.65 5.16
CA HIS A 45 -14.10 23.29 6.58
C HIS A 45 -12.64 23.18 7.02
N PHE A 46 -11.66 23.31 6.09
CA PHE A 46 -10.23 23.07 6.34
C PHE A 46 -9.39 24.28 5.89
N ASP A 47 -8.24 24.46 6.58
CA ASP A 47 -7.15 25.35 6.15
C ASP A 47 -6.05 24.51 5.48
N ARG A 48 -5.52 24.99 4.33
CA ARG A 48 -4.41 24.32 3.63
C ARG A 48 -3.06 24.71 4.25
N ILE A 49 -2.17 23.74 4.51
CA ILE A 49 -0.87 24.00 5.16
C ILE A 49 0.30 23.81 4.18
N LYS A 50 0.41 22.63 3.56
CA LYS A 50 1.60 22.32 2.72
C LYS A 50 1.29 21.16 1.77
N THR A 51 1.97 21.15 0.61
CA THR A 51 1.86 19.99 -0.29
C THR A 51 2.87 18.93 0.20
N LEU A 52 2.39 17.69 0.45
CA LEU A 52 3.25 16.61 0.94
C LEU A 52 3.83 15.74 -0.18
N GLY A 53 3.16 15.68 -1.32
CA GLY A 53 3.68 14.92 -2.46
C GLY A 53 2.71 15.05 -3.63
N THR A 54 3.22 14.71 -4.82
CA THR A 54 2.41 14.84 -6.03
C THR A 54 2.41 13.53 -6.82
N GLY A 55 1.66 13.55 -7.93
CA GLY A 55 1.43 12.36 -8.74
C GLY A 55 0.83 12.70 -10.10
N SER A 56 0.38 11.65 -10.80
CA SER A 56 0.02 11.81 -12.21
C SER A 56 -1.29 12.57 -12.39
N PHE A 57 -2.26 12.36 -11.50
CA PHE A 57 -3.55 13.05 -11.62
C PHE A 57 -4.00 13.67 -10.30
N GLY A 58 -3.12 13.77 -9.31
CA GLY A 58 -3.42 14.54 -8.12
C GLY A 58 -2.22 14.72 -7.21
N ARG A 59 -2.51 15.14 -5.97
CA ARG A 59 -1.48 15.43 -4.97
C ARG A 59 -2.06 15.13 -3.60
N VAL A 60 -1.22 15.15 -2.56
CA VAL A 60 -1.67 14.99 -1.17
C VAL A 60 -1.21 16.24 -0.42
N MET A 61 -2.16 16.91 0.29
N MET A 61 -2.15 16.85 0.33
CA MET A 61 -1.90 18.15 1.04
CA MET A 61 -1.95 18.05 1.12
C MET A 61 -2.15 17.98 2.55
C MET A 61 -2.04 17.77 2.61
N LEU A 62 -1.22 18.46 3.39
CA LEU A 62 -1.51 18.63 4.84
C LEU A 62 -2.54 19.75 5.04
N VAL A 63 -3.64 19.47 5.78
CA VAL A 63 -4.73 20.40 6.09
C VAL A 63 -5.04 20.34 7.59
N LYS A 64 -5.66 21.42 8.12
CA LYS A 64 -6.12 21.47 9.52
C LYS A 64 -7.61 21.80 9.57
N HIS A 65 -8.41 20.99 10.30
CA HIS A 65 -9.85 21.25 10.40
C HIS A 65 -10.12 22.46 11.27
N LYS A 66 -10.92 23.42 10.74
CA LYS A 66 -10.99 24.75 11.40
C LYS A 66 -11.71 24.71 12.76
N GLU A 67 -12.62 23.77 13.00
CA GLU A 67 -13.35 23.74 14.27
C GLU A 67 -12.69 22.88 15.33
N THR A 68 -12.15 21.70 14.96
CA THR A 68 -11.53 20.80 15.93
C THR A 68 -10.04 21.00 16.10
N GLY A 69 -9.35 21.56 15.09
CA GLY A 69 -7.90 21.70 15.16
C GLY A 69 -7.12 20.45 14.77
N ASN A 70 -7.79 19.35 14.40
CA ASN A 70 -7.10 18.11 14.02
C ASN A 70 -6.45 18.20 12.61
N HIS A 71 -5.28 17.57 12.45
CA HIS A 71 -4.60 17.52 11.15
C HIS A 71 -4.98 16.29 10.34
N TYR A 72 -4.99 16.45 9.01
CA TYR A 72 -5.31 15.37 8.07
C TYR A 72 -4.45 15.43 6.81
N ALA A 73 -4.33 14.28 6.13
CA ALA A 73 -3.72 14.21 4.79
C ALA A 73 -4.86 14.13 3.77
N MET A 74 -5.02 15.17 2.93
CA MET A 74 -6.13 15.28 1.97
C MET A 74 -5.61 14.97 0.57
N LYS A 75 -6.07 13.83 -0.01
CA LYS A 75 -5.72 13.43 -1.37
C LYS A 75 -6.73 14.05 -2.35
N ILE A 76 -6.23 14.82 -3.33
CA ILE A 76 -7.06 15.61 -4.26
C ILE A 76 -6.84 15.08 -5.67
N LEU A 77 -7.89 14.59 -6.33
CA LEU A 77 -7.82 14.09 -7.72
C LEU A 77 -8.64 14.97 -8.67
N ASP A 78 -8.04 15.36 -9.81
CA ASP A 78 -8.73 16.20 -10.82
C ASP A 78 -9.61 15.29 -11.71
N LYS A 79 -10.93 15.53 -11.70
CA LYS A 79 -11.86 14.64 -12.43
C LYS A 79 -11.53 14.55 -13.93
N GLN A 80 -11.33 15.69 -14.60
CA GLN A 80 -11.04 15.62 -16.03
C GLN A 80 -9.77 14.79 -16.31
N LYS A 81 -8.73 14.89 -15.47
CA LYS A 81 -7.51 14.15 -15.74
C LYS A 81 -7.69 12.65 -15.46
N VAL A 82 -8.48 12.32 -14.45
CA VAL A 82 -8.82 10.92 -14.20
C VAL A 82 -9.45 10.30 -15.45
N VAL A 83 -10.41 11.01 -16.05
CA VAL A 83 -11.06 10.49 -17.25
C VAL A 83 -10.05 10.31 -18.39
N LYS A 84 -9.17 11.28 -18.61
CA LYS A 84 -8.23 11.18 -19.72
C LYS A 84 -7.24 10.03 -19.54
N LEU A 85 -6.81 9.76 -18.30
CA LEU A 85 -5.84 8.68 -18.07
C LEU A 85 -6.53 7.33 -17.78
N LYS A 86 -7.82 7.18 -18.08
CA LYS A 86 -8.54 5.91 -17.95
C LYS A 86 -8.55 5.34 -16.54
N GLN A 87 -8.72 6.20 -15.53
CA GLN A 87 -8.69 5.75 -14.14
C GLN A 87 -10.01 5.90 -13.39
N ILE A 88 -11.16 6.00 -14.10
CA ILE A 88 -12.44 6.19 -13.40
C ILE A 88 -12.74 5.00 -12.48
N GLU A 89 -12.71 3.77 -13.04
CA GLU A 89 -13.03 2.59 -12.23
C GLU A 89 -12.07 2.44 -11.03
N HIS A 90 -10.77 2.67 -11.26
CA HIS A 90 -9.76 2.58 -10.19
C HIS A 90 -10.01 3.61 -9.06
N THR A 91 -10.39 4.84 -9.41
N THR A 91 -10.42 4.84 -9.38
CA THR A 91 -10.68 5.85 -8.38
CA THR A 91 -10.64 5.80 -8.30
C THR A 91 -11.90 5.48 -7.55
C THR A 91 -11.93 5.52 -7.54
N LEU A 92 -12.96 5.00 -8.21
CA LEU A 92 -14.14 4.53 -7.47
C LEU A 92 -13.81 3.33 -6.55
N ASN A 93 -12.96 2.39 -7.03
CA ASN A 93 -12.46 1.26 -6.20
C ASN A 93 -11.79 1.80 -4.92
N GLU A 94 -10.87 2.76 -5.09
CA GLU A 94 -10.08 3.26 -3.96
C GLU A 94 -10.98 3.76 -2.83
N LYS A 95 -11.94 4.64 -3.17
CA LYS A 95 -12.75 5.22 -2.09
C LYS A 95 -13.71 4.20 -1.49
N ARG A 96 -14.33 3.35 -2.33
CA ARG A 96 -15.26 2.37 -1.78
C ARG A 96 -14.59 1.37 -0.82
N ILE A 97 -13.37 0.91 -1.16
CA ILE A 97 -12.62 0.01 -0.28
C ILE A 97 -12.18 0.72 1.02
N LEU A 98 -11.62 1.94 0.88
CA LEU A 98 -11.10 2.62 2.08
C LEU A 98 -12.20 2.92 3.09
N GLN A 99 -13.40 3.29 2.61
CA GLN A 99 -14.43 3.58 3.61
C GLN A 99 -14.97 2.31 4.29
N ALA A 100 -14.64 1.10 3.77
CA ALA A 100 -15.16 -0.14 4.34
C ALA A 100 -14.15 -0.98 5.12
N VAL A 101 -12.82 -0.74 5.03
CA VAL A 101 -11.86 -1.57 5.80
C VAL A 101 -11.53 -1.04 7.20
N ASN A 102 -10.91 -1.90 8.03
CA ASN A 102 -10.53 -1.55 9.42
C ASN A 102 -9.46 -2.54 9.91
N PHE A 103 -8.18 -2.09 10.04
CA PHE A 103 -7.11 -3.01 10.44
C PHE A 103 -5.96 -2.15 11.00
N PRO A 104 -5.18 -2.65 11.99
CA PRO A 104 -4.20 -1.76 12.68
C PRO A 104 -3.14 -1.15 11.78
N PHE A 105 -2.85 -1.75 10.63
CA PHE A 105 -1.74 -1.30 9.77
C PHE A 105 -2.23 -0.68 8.47
N LEU A 106 -3.50 -0.21 8.38
CA LEU A 106 -4.04 0.54 7.23
C LEU A 106 -4.39 1.96 7.64
N VAL A 107 -4.06 2.93 6.78
N VAL A 107 -4.03 2.95 6.82
CA VAL A 107 -4.49 4.31 6.99
CA VAL A 107 -4.36 4.36 7.10
C VAL A 107 -6.00 4.37 7.18
C VAL A 107 -5.88 4.56 7.04
N LYS A 108 -6.44 5.30 8.02
CA LYS A 108 -7.89 5.48 8.21
C LYS A 108 -8.47 6.67 7.40
N LEU A 109 -9.52 6.39 6.60
CA LEU A 109 -10.28 7.43 5.89
C LEU A 109 -11.30 8.05 6.83
N GLU A 110 -11.22 9.38 7.07
CA GLU A 110 -12.15 10.05 7.97
C GLU A 110 -13.29 10.77 7.25
N PHE A 111 -13.03 11.36 6.08
CA PHE A 111 -14.08 12.04 5.32
C PHE A 111 -13.87 11.79 3.83
N SER A 112 -14.95 11.97 3.05
CA SER A 112 -14.81 12.07 1.58
C SER A 112 -15.91 12.95 1.00
N PHE A 113 -15.64 13.56 -0.17
CA PHE A 113 -16.58 14.48 -0.84
C PHE A 113 -16.03 14.85 -2.23
N LYS A 114 -16.89 15.48 -3.06
CA LYS A 114 -16.51 15.99 -4.39
C LYS A 114 -17.13 17.37 -4.62
N ASP A 115 -16.60 18.08 -5.61
CA ASP A 115 -17.17 19.38 -6.04
C ASP A 115 -17.14 19.46 -7.58
N ASN A 116 -17.29 20.68 -8.15
CA ASN A 116 -17.39 20.75 -9.62
C ASN A 116 -16.14 20.22 -10.32
N SER A 117 -14.95 20.29 -9.69
CA SER A 117 -13.72 19.91 -10.40
C SER A 117 -13.02 18.65 -9.86
N ASN A 118 -13.09 18.39 -8.55
CA ASN A 118 -12.19 17.43 -7.88
C ASN A 118 -12.93 16.37 -7.06
N LEU A 119 -12.22 15.24 -6.78
CA LEU A 119 -12.59 14.26 -5.77
C LEU A 119 -11.62 14.39 -4.59
N TYR A 120 -12.13 14.18 -3.35
CA TYR A 120 -11.32 14.36 -2.12
C TYR A 120 -11.45 13.16 -1.19
N MET A 121 -10.30 12.68 -0.67
CA MET A 121 -10.26 11.62 0.35
C MET A 121 -9.39 12.14 1.49
N VAL A 122 -10.01 12.32 2.69
CA VAL A 122 -9.34 12.98 3.84
C VAL A 122 -8.97 11.89 4.86
N MET A 123 -7.67 11.62 5.06
N MET A 123 -7.67 11.61 5.04
CA MET A 123 -7.16 10.54 5.90
CA MET A 123 -7.17 10.52 5.89
C MET A 123 -6.50 11.11 7.15
C MET A 123 -6.49 11.11 7.14
N GLU A 124 -6.46 10.32 8.23
CA GLU A 124 -5.63 10.71 9.40
C GLU A 124 -4.17 10.92 8.96
N TYR A 125 -3.52 11.99 9.46
CA TYR A 125 -2.16 12.32 9.02
C TYR A 125 -1.11 11.53 9.84
N VAL A 126 -0.13 10.89 9.18
CA VAL A 126 0.94 10.11 9.80
C VAL A 126 2.26 10.90 9.64
N PRO A 127 2.81 11.51 10.70
CA PRO A 127 3.91 12.49 10.53
CA PRO A 127 3.90 12.49 10.48
C PRO A 127 5.29 11.90 10.33
N GLY A 128 5.46 10.59 10.49
CA GLY A 128 6.79 9.98 10.45
C GLY A 128 7.42 9.83 9.06
N GLY A 129 6.66 10.04 7.97
CA GLY A 129 7.21 9.96 6.64
C GLY A 129 7.13 8.55 6.04
N GLU A 130 7.53 8.47 4.75
CA GLU A 130 7.52 7.21 3.99
C GLU A 130 8.71 6.34 4.36
N MET A 131 8.49 5.02 4.40
CA MET A 131 9.61 4.07 4.61
C MET A 131 10.75 4.32 3.62
N PHE A 132 10.42 4.63 2.36
CA PHE A 132 11.41 4.90 1.30
C PHE A 132 12.50 5.88 1.75
N SER A 133 12.10 7.00 2.39
N SER A 133 12.12 6.98 2.41
CA SER A 133 13.06 8.01 2.86
CA SER A 133 13.12 7.98 2.83
C SER A 133 14.02 7.42 3.90
C SER A 133 14.04 7.43 3.92
N HIS A 134 13.49 6.71 4.90
CA HIS A 134 14.34 6.14 5.97
C HIS A 134 15.26 5.04 5.43
N LEU A 135 14.79 4.17 4.50
CA LEU A 135 15.65 3.12 3.92
C LEU A 135 16.80 3.72 3.11
N ARG A 136 16.51 4.77 2.31
CA ARG A 136 17.56 5.37 1.45
C ARG A 136 18.55 6.15 2.31
N ARG A 137 18.09 6.72 3.43
CA ARG A 137 18.95 7.46 4.36
C ARG A 137 19.96 6.51 5.05
N ILE A 138 19.46 5.39 5.63
N ILE A 138 19.48 5.37 5.56
CA ILE A 138 20.33 4.47 6.39
CA ILE A 138 20.36 4.49 6.35
C ILE A 138 21.13 3.53 5.46
C ILE A 138 20.94 3.32 5.55
N GLY A 139 20.61 3.20 4.27
CA GLY A 139 21.29 2.30 3.36
C GLY A 139 20.55 0.97 3.22
N ARG A 140 20.54 0.19 4.30
N ARG A 140 20.52 0.22 4.31
CA ARG A 140 19.79 -1.08 4.34
CA ARG A 140 19.71 -1.00 4.37
C ARG A 140 19.41 -1.38 5.77
C ARG A 140 19.27 -1.22 5.81
N PHE A 141 18.26 -2.08 5.95
CA PHE A 141 17.80 -2.50 7.30
C PHE A 141 18.42 -3.87 7.71
N SEP A 142 18.80 -4.04 8.99
CA SEP A 142 19.23 -5.37 9.48
CB SEP A 142 19.60 -5.28 10.98
OG SEP A 142 18.43 -5.11 11.77
C SEP A 142 18.10 -6.41 9.27
O SEP A 142 16.94 -5.98 9.14
P SEP A 142 18.60 -4.69 13.35
O1P SEP A 142 19.46 -3.29 13.34
O2P SEP A 142 17.17 -4.47 14.07
O3P SEP A 142 19.48 -5.77 14.14
N GLU A 143 18.39 -7.72 9.34
CA GLU A 143 17.25 -8.69 9.15
C GLU A 143 16.18 -8.59 10.22
N PRO A 144 16.51 -8.40 11.54
CA PRO A 144 15.42 -8.23 12.53
C PRO A 144 14.51 -7.03 12.20
N HIS A 145 15.12 -5.92 11.75
CA HIS A 145 14.35 -4.70 11.39
C HIS A 145 13.44 -4.96 10.17
N ALA A 146 14.01 -5.53 9.08
CA ALA A 146 13.19 -5.91 7.92
C ALA A 146 12.05 -6.85 8.31
N ARG A 147 12.36 -7.84 9.17
CA ARG A 147 11.38 -8.85 9.61
C ARG A 147 10.23 -8.25 10.41
N PHE A 148 10.51 -7.22 11.25
CA PHE A 148 9.43 -6.53 11.97
C PHE A 148 8.41 -5.88 10.99
N TYR A 149 8.90 -5.18 9.98
CA TYR A 149 8.00 -4.63 8.94
C TYR A 149 7.32 -5.73 8.11
N ALA A 150 8.06 -6.76 7.67
CA ALA A 150 7.47 -7.81 6.80
C ALA A 150 6.31 -8.50 7.53
N ALA A 151 6.46 -8.75 8.85
CA ALA A 151 5.38 -9.42 9.63
C ALA A 151 4.08 -8.62 9.56
N GLN A 152 4.18 -7.27 9.60
CA GLN A 152 2.98 -6.42 9.54
C GLN A 152 2.33 -6.53 8.15
N ILE A 153 3.14 -6.61 7.08
CA ILE A 153 2.57 -6.77 5.72
C ILE A 153 1.93 -8.17 5.57
N VAL A 154 2.53 -9.23 6.15
CA VAL A 154 1.92 -10.59 6.07
C VAL A 154 0.52 -10.57 6.71
N LEU A 155 0.41 -10.01 7.90
CA LEU A 155 -0.92 -9.95 8.56
C LEU A 155 -1.92 -9.08 7.76
N THR A 156 -1.47 -7.94 7.22
CA THR A 156 -2.35 -7.06 6.42
C THR A 156 -2.86 -7.76 5.17
N PHE A 157 -1.98 -8.52 4.46
CA PHE A 157 -2.46 -9.28 3.28
C PHE A 157 -3.38 -10.42 3.71
N GLU A 158 -3.09 -11.09 4.83
CA GLU A 158 -4.01 -12.14 5.32
C GLU A 158 -5.43 -11.56 5.45
N TYR A 159 -5.54 -10.39 6.10
CA TYR A 159 -6.82 -9.65 6.24
C TYR A 159 -7.44 -9.29 4.88
N LEU A 160 -6.69 -8.56 4.00
CA LEU A 160 -7.28 -8.09 2.73
C LEU A 160 -7.70 -9.26 1.85
N HIS A 161 -6.86 -10.31 1.75
CA HIS A 161 -7.19 -11.43 0.86
C HIS A 161 -8.43 -12.20 1.36
N SER A 162 -8.67 -12.23 2.68
N SER A 162 -8.64 -12.24 2.68
CA SER A 162 -9.87 -12.92 3.19
CA SER A 162 -9.86 -12.88 3.22
C SER A 162 -11.15 -12.15 2.88
C SER A 162 -11.12 -12.18 2.74
N LEU A 163 -11.04 -10.86 2.51
CA LEU A 163 -12.15 -10.05 2.03
C LEU A 163 -12.30 -10.09 0.52
N ASP A 164 -11.55 -10.96 -0.17
CA ASP A 164 -11.45 -11.03 -1.64
C ASP A 164 -10.88 -9.74 -2.27
N LEU A 165 -9.99 -9.03 -1.56
CA LEU A 165 -9.32 -7.84 -2.09
C LEU A 165 -7.88 -8.17 -2.49
N ILE A 166 -7.38 -7.58 -3.58
CA ILE A 166 -5.96 -7.62 -3.99
C ILE A 166 -5.45 -6.18 -3.92
N TYR A 167 -4.22 -5.99 -3.39
CA TYR A 167 -3.72 -4.63 -3.12
C TYR A 167 -3.02 -4.01 -4.35
N ARG A 168 -2.06 -4.72 -4.99
CA ARG A 168 -1.44 -4.40 -6.29
C ARG A 168 -0.56 -3.15 -6.34
N ASP A 169 -0.15 -2.56 -5.20
CA ASP A 169 0.85 -1.46 -5.28
C ASP A 169 1.86 -1.49 -4.12
N LEU A 170 2.28 -2.68 -3.67
CA LEU A 170 3.27 -2.75 -2.58
C LEU A 170 4.64 -2.22 -3.07
N LYS A 171 5.21 -1.25 -2.32
CA LYS A 171 6.53 -0.62 -2.58
C LYS A 171 6.85 0.29 -1.39
N PRO A 172 8.13 0.64 -1.14
CA PRO A 172 8.43 1.40 0.09
C PRO A 172 7.78 2.78 0.20
N GLU A 173 7.49 3.47 -0.92
CA GLU A 173 6.86 4.78 -0.86
CA GLU A 173 6.88 4.79 -0.81
C GLU A 173 5.44 4.74 -0.29
N ASN A 174 4.77 3.58 -0.37
CA ASN A 174 3.39 3.51 0.13
C ASN A 174 3.29 3.02 1.59
N LEU A 175 4.40 2.85 2.32
CA LEU A 175 4.36 2.38 3.70
C LEU A 175 4.75 3.55 4.60
N LEU A 176 3.79 4.14 5.33
CA LEU A 176 4.14 5.27 6.24
C LEU A 176 4.58 4.71 7.61
N ILE A 177 5.52 5.40 8.27
N ILE A 177 5.51 5.39 8.28
CA ILE A 177 5.98 5.02 9.64
CA ILE A 177 5.94 4.99 9.63
C ILE A 177 5.33 5.94 10.67
C ILE A 177 5.31 5.94 10.65
N ASP A 178 4.60 5.38 11.65
CA ASP A 178 3.81 6.21 12.56
C ASP A 178 4.56 6.56 13.86
N GLN A 179 3.83 7.21 14.80
CA GLN A 179 4.51 7.72 16.00
C GLN A 179 5.02 6.60 16.92
N GLN A 180 4.56 5.35 16.75
CA GLN A 180 5.04 4.19 17.52
C GLN A 180 6.09 3.35 16.77
N GLY A 181 6.47 3.80 15.58
CA GLY A 181 7.38 3.05 14.71
C GLY A 181 6.75 1.90 13.93
N TYR A 182 5.42 1.82 13.85
CA TYR A 182 4.73 0.78 13.11
C TYR A 182 4.33 1.31 11.71
N ILE A 183 3.94 0.36 10.80
CA ILE A 183 3.53 0.69 9.42
C ILE A 183 2.04 1.04 9.32
N GLN A 184 1.71 2.02 8.45
CA GLN A 184 0.35 2.23 7.96
C GLN A 184 0.42 2.28 6.42
N VAL A 185 -0.27 1.37 5.76
CA VAL A 185 -0.28 1.31 4.28
C VAL A 185 -1.23 2.35 3.72
N THR A 186 -0.75 3.17 2.76
CA THR A 186 -1.57 4.17 2.08
C THR A 186 -1.60 3.91 0.55
N ASP A 187 -2.57 4.55 -0.12
CA ASP A 187 -2.76 4.53 -1.59
C ASP A 187 -3.39 3.23 -2.05
N PHE A 188 -4.73 3.24 -2.13
CA PHE A 188 -5.51 2.10 -2.61
C PHE A 188 -5.97 2.31 -4.06
N GLY A 189 -5.23 3.14 -4.84
CA GLY A 189 -5.60 3.44 -6.22
C GLY A 189 -5.63 2.26 -7.18
N PHE A 190 -4.86 1.19 -6.91
CA PHE A 190 -4.96 -0.03 -7.72
C PHE A 190 -5.60 -1.20 -6.96
N ALA A 191 -6.17 -1.00 -5.76
CA ALA A 191 -6.80 -2.12 -5.04
C ALA A 191 -8.16 -2.47 -5.66
N LYS A 192 -8.53 -3.76 -5.61
CA LYS A 192 -9.77 -4.22 -6.27
C LYS A 192 -10.38 -5.43 -5.56
N ARG A 193 -11.73 -5.48 -5.49
CA ARG A 193 -12.40 -6.73 -5.06
C ARG A 193 -12.58 -7.68 -6.23
N VAL A 194 -12.08 -8.91 -6.05
CA VAL A 194 -11.86 -9.89 -7.15
C VAL A 194 -12.25 -11.28 -6.65
N LYS A 195 -13.19 -11.94 -7.34
CA LYS A 195 -13.66 -13.27 -6.89
C LYS A 195 -12.75 -14.39 -7.36
N GLY A 196 -12.25 -14.31 -8.59
CA GLY A 196 -11.36 -15.30 -9.16
C GLY A 196 -10.10 -14.69 -9.74
N ARG A 197 -10.12 -14.28 -11.00
CA ARG A 197 -9.01 -13.64 -11.71
C ARG A 197 -9.33 -12.18 -12.08
N THR A 198 -8.27 -11.40 -12.43
CA THR A 198 -8.38 -10.04 -13.00
C THR A 198 -7.27 -9.82 -14.03
N TRP A 199 -7.41 -8.77 -14.86
CA TRP A 199 -6.51 -8.64 -16.02
C TRP A 199 -5.76 -7.29 -16.26
N TPO A 200 -6.00 -6.24 -15.48
CA TPO A 200 -5.48 -4.92 -15.86
CB TPO A 200 -6.07 -3.78 -14.96
CG2 TPO A 200 -5.75 -2.38 -15.49
OG1 TPO A 200 -7.49 -3.85 -15.02
P TPO A 200 -8.35 -4.25 -13.68
O1P TPO A 200 -8.19 -3.05 -12.67
O2P TPO A 200 -9.80 -4.45 -14.14
O3P TPO A 200 -7.70 -5.55 -13.16
C TPO A 200 -3.95 -4.84 -15.73
O TPO A 200 -3.42 -5.26 -14.66
N LEU A 201 -3.30 -4.19 -16.71
CA LEU A 201 -1.84 -3.90 -16.56
C LEU A 201 -1.66 -2.67 -15.66
N CYS A 202 -1.13 -2.85 -14.44
CA CYS A 202 -0.91 -1.75 -13.51
C CYS A 202 0.09 -2.18 -12.43
N GLY A 203 0.75 -1.19 -11.83
CA GLY A 203 1.82 -1.35 -10.85
C GLY A 203 3.06 -0.59 -11.27
N THR A 204 4.09 -0.66 -10.42
CA THR A 204 5.39 -0.10 -10.75
C THR A 204 6.29 -1.21 -11.30
N PRO A 205 7.08 -0.96 -12.39
CA PRO A 205 7.79 -2.04 -13.08
C PRO A 205 8.60 -2.95 -12.18
N GLU A 206 9.40 -2.38 -11.27
CA GLU A 206 10.28 -3.20 -10.43
C GLU A 206 9.53 -4.23 -9.58
N TYR A 207 8.24 -4.02 -9.30
N TYR A 207 8.24 -4.03 -9.34
CA TYR A 207 7.48 -4.88 -8.39
CA TYR A 207 7.47 -4.84 -8.40
C TYR A 207 6.49 -5.82 -9.09
C TYR A 207 6.45 -5.74 -9.09
N LEU A 208 6.40 -5.77 -10.42
CA LEU A 208 5.39 -6.55 -11.15
C LEU A 208 5.74 -8.04 -11.21
N ALA A 209 4.75 -8.89 -10.89
CA ALA A 209 4.88 -10.34 -11.08
C ALA A 209 4.98 -10.73 -12.58
N PRO A 210 5.64 -11.89 -12.88
CA PRO A 210 5.70 -12.35 -14.29
C PRO A 210 4.33 -12.47 -14.96
N GLU A 211 3.28 -12.95 -14.26
CA GLU A 211 2.03 -13.17 -14.95
C GLU A 211 1.35 -11.86 -15.31
N ILE A 212 1.64 -10.74 -14.63
CA ILE A 212 1.12 -9.43 -15.11
C ILE A 212 1.84 -9.01 -16.39
N ILE A 213 3.18 -9.13 -16.41
CA ILE A 213 4.01 -8.76 -17.59
C ILE A 213 3.58 -9.55 -18.83
N LEU A 214 3.24 -10.84 -18.66
CA LEU A 214 2.85 -11.73 -19.78
C LEU A 214 1.35 -11.66 -20.14
N SER A 215 0.58 -10.71 -19.55
CA SER A 215 -0.80 -10.38 -19.93
C SER A 215 -1.77 -11.54 -19.65
N LYS A 216 -1.54 -12.26 -18.55
N LYS A 216 -1.54 -12.26 -18.55
CA LYS A 216 -2.41 -13.36 -18.14
CA LYS A 216 -2.39 -13.37 -18.13
C LYS A 216 -3.55 -12.89 -17.22
C LYS A 216 -3.54 -12.91 -17.21
N GLY A 217 -4.51 -13.78 -16.99
CA GLY A 217 -5.49 -13.54 -15.90
C GLY A 217 -4.79 -13.94 -14.59
N TYR A 218 -4.78 -13.02 -13.60
CA TYR A 218 -3.94 -13.24 -12.41
C TYR A 218 -4.75 -13.08 -11.11
N ASN A 219 -4.16 -13.47 -9.97
N ASN A 219 -4.15 -13.41 -9.96
CA ASN A 219 -4.89 -13.51 -8.70
CA ASN A 219 -4.91 -13.38 -8.70
C ASN A 219 -4.00 -12.95 -7.57
C ASN A 219 -4.04 -12.84 -7.56
N LYS A 220 -4.43 -13.17 -6.32
CA LYS A 220 -3.73 -12.62 -5.15
C LYS A 220 -2.27 -13.07 -5.04
N ALA A 221 -1.84 -14.10 -5.77
CA ALA A 221 -0.41 -14.47 -5.75
C ALA A 221 0.49 -13.31 -6.18
N VAL A 222 -0.02 -12.30 -6.93
CA VAL A 222 0.86 -11.18 -7.32
C VAL A 222 1.29 -10.35 -6.10
N ASP A 223 0.46 -10.29 -5.05
CA ASP A 223 0.87 -9.55 -3.85
C ASP A 223 2.00 -10.28 -3.09
N TRP A 224 1.97 -11.63 -3.02
CA TRP A 224 3.05 -12.35 -2.37
C TRP A 224 4.38 -12.25 -3.16
N TRP A 225 4.34 -12.24 -4.51
CA TRP A 225 5.55 -11.90 -5.27
C TRP A 225 6.08 -10.51 -4.86
N ALA A 226 5.17 -9.50 -4.78
CA ALA A 226 5.65 -8.16 -4.44
C ALA A 226 6.23 -8.11 -3.01
N LEU A 227 5.72 -8.95 -2.08
CA LEU A 227 6.34 -9.03 -0.75
C LEU A 227 7.78 -9.56 -0.84
N GLY A 228 8.07 -10.54 -1.74
CA GLY A 228 9.47 -10.96 -1.95
C GLY A 228 10.39 -9.85 -2.46
N VAL A 229 9.87 -9.00 -3.38
CA VAL A 229 10.66 -7.86 -3.87
C VAL A 229 10.92 -6.85 -2.75
N LEU A 230 9.89 -6.58 -1.92
CA LEU A 230 10.04 -5.63 -0.82
C LEU A 230 11.04 -6.15 0.25
N ILE A 231 10.93 -7.43 0.64
CA ILE A 231 11.89 -7.91 1.67
C ILE A 231 13.33 -7.88 1.12
N TYR A 232 13.53 -8.30 -0.14
CA TYR A 232 14.87 -8.18 -0.75
C TYR A 232 15.37 -6.72 -0.69
N GLU A 233 14.53 -5.77 -1.11
CA GLU A 233 14.94 -4.35 -1.11
C GLU A 233 15.26 -3.83 0.29
N MET A 234 14.46 -4.20 1.28
CA MET A 234 14.75 -3.72 2.65
C MET A 234 16.08 -4.25 3.17
N ALA A 235 16.41 -5.53 2.91
CA ALA A 235 17.63 -6.16 3.46
C ALA A 235 18.89 -5.88 2.65
N ALA A 236 18.77 -5.59 1.34
CA ALA A 236 19.92 -5.28 0.48
C ALA A 236 20.15 -3.78 0.28
N GLY A 237 19.08 -2.98 0.24
CA GLY A 237 19.15 -1.54 -0.03
C GLY A 237 18.75 -1.18 -1.45
N TYR A 238 18.51 -2.19 -2.29
CA TYR A 238 18.13 -2.03 -3.72
C TYR A 238 17.25 -3.20 -4.14
N PRO A 239 16.38 -3.04 -5.13
CA PRO A 239 15.48 -4.13 -5.53
C PRO A 239 16.22 -5.16 -6.37
N PRO A 240 15.67 -6.37 -6.49
CA PRO A 240 16.42 -7.43 -7.19
C PRO A 240 16.51 -7.26 -8.71
N PHE A 241 15.49 -6.63 -9.35
CA PHE A 241 15.44 -6.47 -10.81
C PHE A 241 15.41 -4.96 -11.15
N PHE A 242 16.47 -4.43 -11.80
CA PHE A 242 16.48 -3.00 -12.13
C PHE A 242 17.25 -2.75 -13.43
N ALA A 243 16.91 -1.66 -14.10
CA ALA A 243 17.54 -1.23 -15.38
C ALA A 243 16.97 0.13 -15.81
N ASP A 244 17.62 0.76 -16.82
CA ASP A 244 17.10 2.07 -17.23
C ASP A 244 15.82 1.99 -18.07
N GLN A 245 15.56 0.89 -18.77
CA GLN A 245 14.33 0.83 -19.56
C GLN A 245 13.38 -0.24 -19.01
N PRO A 246 12.08 0.02 -18.94
CA PRO A 246 11.17 -1.04 -18.43
C PRO A 246 11.27 -2.37 -19.16
N ILE A 247 11.48 -2.38 -20.49
CA ILE A 247 11.53 -3.66 -21.22
CA ILE A 247 11.53 -3.66 -21.20
C ILE A 247 12.68 -4.53 -20.71
N GLN A 248 13.81 -3.90 -20.32
CA GLN A 248 14.94 -4.63 -19.72
C GLN A 248 14.60 -5.17 -18.31
N ILE A 249 13.83 -4.41 -17.52
CA ILE A 249 13.40 -4.90 -16.20
C ILE A 249 12.52 -6.13 -16.36
N TYR A 250 11.58 -6.07 -17.32
CA TYR A 250 10.67 -7.20 -17.58
C TYR A 250 11.41 -8.46 -18.02
N GLU A 251 12.42 -8.34 -18.89
CA GLU A 251 13.17 -9.53 -19.26
C GLU A 251 13.85 -10.18 -18.05
N LYS A 252 14.35 -9.39 -17.10
CA LYS A 252 14.98 -9.99 -15.93
C LYS A 252 13.93 -10.68 -15.02
N ILE A 253 12.76 -10.06 -14.86
CA ILE A 253 11.70 -10.64 -14.03
C ILE A 253 11.26 -12.02 -14.55
N VAL A 254 10.91 -12.11 -15.84
N VAL A 254 11.08 -12.17 -15.87
CA VAL A 254 10.33 -13.36 -16.33
CA VAL A 254 10.60 -13.47 -16.39
C VAL A 254 11.37 -14.46 -16.45
C VAL A 254 11.68 -14.56 -16.42
N SER A 255 12.67 -14.13 -16.49
N SER A 255 12.96 -14.25 -16.21
CA SER A 255 13.68 -15.17 -16.28
CA SER A 255 14.04 -15.24 -16.42
C SER A 255 13.81 -15.52 -14.80
C SER A 255 14.10 -16.37 -15.37
N GLY A 256 13.53 -14.56 -13.92
N GLY A 256 13.57 -16.19 -14.16
CA GLY A 256 13.61 -14.71 -12.48
CA GLY A 256 13.70 -17.22 -13.15
C GLY A 256 14.98 -15.06 -11.96
C GLY A 256 15.05 -17.28 -12.44
N LYS A 257 16.04 -14.85 -12.74
N LYS A 257 15.88 -16.24 -12.58
CA LYS A 257 17.39 -15.09 -12.22
CA LYS A 257 17.19 -16.13 -11.95
C LYS A 257 17.67 -14.06 -11.14
C LYS A 257 17.20 -14.90 -11.04
N VAL A 258 17.82 -14.53 -9.90
N VAL A 258 17.82 -15.03 -9.86
CA VAL A 258 17.94 -13.66 -8.74
CA VAL A 258 18.07 -13.91 -8.94
C VAL A 258 19.24 -14.00 -8.04
C VAL A 258 19.43 -14.10 -8.30
N ARG A 259 20.11 -13.00 -7.93
CA ARG A 259 21.39 -13.09 -7.20
C ARG A 259 21.25 -12.42 -5.83
N PHE A 260 21.77 -13.09 -4.80
CA PHE A 260 21.64 -12.60 -3.42
C PHE A 260 22.98 -12.09 -2.90
N PRO A 261 22.99 -11.00 -2.11
CA PRO A 261 24.23 -10.60 -1.42
C PRO A 261 24.71 -11.70 -0.48
N SER A 262 26.05 -11.81 -0.31
CA SER A 262 26.57 -12.81 0.62
C SER A 262 26.17 -12.56 2.08
N HIS A 263 25.88 -11.32 2.48
CA HIS A 263 25.49 -11.09 3.87
C HIS A 263 24.10 -11.60 4.21
N PHE A 264 23.26 -11.93 3.22
CA PHE A 264 21.97 -12.57 3.51
C PHE A 264 22.13 -13.91 4.25
N SER A 265 21.29 -14.12 5.27
CA SER A 265 21.23 -15.44 5.95
C SER A 265 20.72 -16.55 4.99
N SER A 266 21.09 -17.82 5.27
CA SER A 266 20.54 -18.94 4.48
C SER A 266 19.01 -19.01 4.60
N ASP A 267 18.45 -18.76 5.79
CA ASP A 267 16.99 -18.74 5.93
C ASP A 267 16.33 -17.65 5.04
N LEU A 268 16.92 -16.46 4.96
CA LEU A 268 16.32 -15.39 4.14
C LEU A 268 16.35 -15.79 2.65
N LYS A 269 17.51 -16.29 2.16
CA LYS A 269 17.58 -16.76 0.77
C LYS A 269 16.52 -17.80 0.48
N ASP A 270 16.32 -18.77 1.40
CA ASP A 270 15.31 -19.81 1.15
C ASP A 270 13.90 -19.21 1.04
N LEU A 271 13.52 -18.33 1.98
CA LEU A 271 12.21 -17.69 1.86
C LEU A 271 12.06 -16.94 0.54
N LEU A 272 13.09 -16.18 0.14
CA LEU A 272 12.93 -15.34 -1.08
C LEU A 272 12.84 -16.18 -2.35
N ARG A 273 13.51 -17.35 -2.41
CA ARG A 273 13.36 -18.23 -3.60
C ARG A 273 11.91 -18.74 -3.74
N ASN A 274 11.21 -18.87 -2.62
CA ASN A 274 9.84 -19.39 -2.65
C ASN A 274 8.80 -18.30 -2.86
N LEU A 275 9.09 -17.04 -2.45
CA LEU A 275 8.21 -15.91 -2.84
C LEU A 275 8.44 -15.43 -4.27
N LEU A 276 9.71 -15.33 -4.73
CA LEU A 276 10.10 -14.92 -6.10
C LEU A 276 10.11 -16.14 -7.03
N GLN A 277 9.10 -16.99 -6.94
CA GLN A 277 8.92 -18.19 -7.76
C GLN A 277 8.12 -17.78 -9.00
N VAL A 278 8.72 -17.96 -10.20
CA VAL A 278 8.04 -17.46 -11.41
C VAL A 278 6.76 -18.25 -11.76
N ASP A 279 6.66 -19.53 -11.37
CA ASP A 279 5.47 -20.35 -11.57
C ASP A 279 4.48 -20.08 -10.43
N LEU A 280 3.38 -19.38 -10.73
CA LEU A 280 2.48 -18.94 -9.67
C LEU A 280 1.83 -20.10 -8.91
N THR A 281 1.72 -21.29 -9.52
CA THR A 281 1.13 -22.43 -8.82
C THR A 281 2.06 -23.05 -7.78
N LYS A 282 3.34 -22.63 -7.73
CA LYS A 282 4.34 -23.12 -6.78
C LYS A 282 4.76 -22.03 -5.77
N ARG A 283 4.14 -20.86 -5.81
CA ARG A 283 4.61 -19.71 -4.99
C ARG A 283 4.02 -19.72 -3.58
N PHE A 284 4.89 -19.47 -2.56
CA PHE A 284 4.43 -19.34 -1.17
C PHE A 284 3.36 -18.26 -1.06
N GLY A 285 2.29 -18.60 -0.32
CA GLY A 285 1.10 -17.79 -0.20
C GLY A 285 -0.02 -18.25 -1.10
N ASN A 286 0.32 -19.03 -2.15
CA ASN A 286 -0.69 -19.49 -3.12
C ASN A 286 -0.78 -21.03 -3.17
N LEU A 287 -0.29 -21.72 -2.12
CA LEU A 287 -0.39 -23.18 -2.00
C LEU A 287 -1.57 -23.56 -1.08
N LYS A 288 -1.79 -24.89 -0.92
CA LYS A 288 -2.94 -25.35 -0.11
C LYS A 288 -2.94 -24.73 1.29
N ASN A 289 -1.78 -24.54 1.90
CA ASN A 289 -1.77 -23.99 3.26
C ASN A 289 -1.77 -22.46 3.31
N GLY A 290 -1.88 -21.81 2.15
CA GLY A 290 -1.98 -20.34 2.12
C GLY A 290 -0.89 -19.61 2.90
N VAL A 291 -1.33 -18.60 3.66
CA VAL A 291 -0.38 -17.75 4.41
C VAL A 291 0.41 -18.52 5.46
N ASN A 292 -0.07 -19.70 5.89
CA ASN A 292 0.68 -20.39 6.92
C ASN A 292 2.03 -20.97 6.45
N ASP A 293 2.25 -21.21 5.14
CA ASP A 293 3.61 -21.58 4.70
C ASP A 293 4.62 -20.44 4.94
N ILE A 294 4.16 -19.18 4.89
CA ILE A 294 5.04 -18.03 5.19
C ILE A 294 5.21 -17.88 6.72
N LYS A 295 4.11 -17.85 7.48
CA LYS A 295 4.22 -17.63 8.93
C LYS A 295 5.09 -18.71 9.61
N ASN A 296 5.07 -19.96 9.11
CA ASN A 296 5.81 -21.07 9.70
C ASN A 296 7.23 -21.24 9.14
N HIS A 297 7.66 -20.43 8.17
CA HIS A 297 9.01 -20.53 7.65
C HIS A 297 10.07 -20.17 8.71
N LYS A 298 11.25 -20.80 8.60
N LYS A 298 11.24 -20.81 8.60
CA LYS A 298 12.29 -20.58 9.61
CA LYS A 298 12.33 -20.61 9.56
C LYS A 298 12.70 -19.12 9.74
C LYS A 298 12.74 -19.14 9.72
N TRP A 299 12.62 -18.31 8.66
CA TRP A 299 13.03 -16.90 8.79
C TRP A 299 12.16 -16.16 9.82
N PHE A 300 10.90 -16.59 10.00
CA PHE A 300 9.99 -15.96 10.97
C PHE A 300 9.96 -16.68 12.34
N ALA A 301 10.96 -17.53 12.64
CA ALA A 301 10.86 -18.32 13.88
C ALA A 301 10.81 -17.48 15.15
N THR A 302 11.47 -16.29 15.16
CA THR A 302 11.46 -15.40 16.34
C THR A 302 10.22 -14.49 16.42
N THR A 303 9.31 -14.52 15.43
CA THR A 303 8.19 -13.56 15.40
C THR A 303 6.98 -14.01 16.25
N ASP A 304 6.50 -13.13 17.18
CA ASP A 304 5.27 -13.37 17.96
C ASP A 304 4.14 -12.67 17.22
N TRP A 305 3.37 -13.45 16.44
CA TRP A 305 2.36 -12.87 15.53
C TRP A 305 1.27 -12.12 16.29
N ILE A 306 0.89 -12.63 17.47
CA ILE A 306 -0.15 -11.96 18.25
C ILE A 306 0.36 -10.66 18.83
N ALA A 307 1.59 -10.67 19.36
CA ALA A 307 2.17 -9.46 19.93
C ALA A 307 2.34 -8.35 18.89
N ILE A 308 2.70 -8.70 17.64
CA ILE A 308 2.77 -7.68 16.56
C ILE A 308 1.38 -7.08 16.30
N TYR A 309 0.37 -7.94 16.11
CA TYR A 309 -1.01 -7.45 15.88
C TYR A 309 -1.47 -6.51 17.00
N GLN A 310 -1.22 -6.88 18.26
CA GLN A 310 -1.58 -6.05 19.42
C GLN A 310 -0.70 -4.81 19.60
N ARG A 311 0.35 -4.61 18.76
CA ARG A 311 1.27 -3.46 18.86
C ARG A 311 2.02 -3.46 20.20
N LYS A 312 2.38 -4.66 20.68
CA LYS A 312 3.05 -4.79 21.97
C LYS A 312 4.57 -4.91 21.87
N VAL A 313 5.16 -5.09 20.63
CA VAL A 313 6.59 -5.23 20.40
C VAL A 313 7.26 -3.86 20.27
N GLU A 314 8.41 -3.65 20.93
CA GLU A 314 9.10 -2.37 20.79
C GLU A 314 9.68 -2.23 19.39
N ALA A 315 9.39 -1.09 18.72
CA ALA A 315 9.82 -0.91 17.33
C ALA A 315 11.34 -0.71 17.19
N PRO A 316 11.88 -1.01 16.00
CA PRO A 316 13.33 -0.76 15.77
C PRO A 316 13.72 0.69 15.82
N PHE A 317 12.87 1.60 15.35
CA PHE A 317 13.14 3.02 15.57
C PHE A 317 11.84 3.83 15.45
N ILE A 318 11.88 5.00 16.08
CA ILE A 318 10.79 5.97 16.15
C ILE A 318 11.23 7.19 15.36
N PRO A 319 10.48 7.62 14.35
CA PRO A 319 10.89 8.80 13.58
C PRO A 319 10.98 10.03 14.49
N LYS A 320 11.89 10.94 14.11
CA LYS A 320 12.09 12.24 14.78
C LYS A 320 11.10 13.27 14.22
N PHE A 321 10.24 13.82 15.08
CA PHE A 321 9.31 14.86 14.65
C PHE A 321 8.83 15.60 15.91
N LYS A 322 8.33 16.83 15.72
CA LYS A 322 8.10 17.71 16.87
C LYS A 322 6.67 17.76 17.37
N GLY A 323 5.68 17.24 16.61
CA GLY A 323 4.28 17.39 16.94
C GLY A 323 3.40 16.89 15.80
N PRO A 324 2.09 16.84 16.03
CA PRO A 324 1.18 16.26 15.01
C PRO A 324 1.09 17.06 13.73
N GLY A 325 1.52 18.32 13.67
CA GLY A 325 1.55 19.06 12.41
C GLY A 325 2.92 19.22 11.75
N ASP A 326 3.95 18.52 12.26
CA ASP A 326 5.31 18.64 11.71
C ASP A 326 5.38 17.96 10.33
N THR A 327 5.94 18.67 9.33
CA THR A 327 6.13 18.19 7.96
C THR A 327 7.60 17.86 7.61
N SER A 328 8.50 17.86 8.59
N SER A 328 8.51 17.84 8.60
CA SER A 328 9.93 17.75 8.31
CA SER A 328 9.96 17.72 8.36
C SER A 328 10.31 16.44 7.59
C SER A 328 10.40 16.39 7.76
N ASN A 329 9.59 15.35 7.86
CA ASN A 329 9.91 14.04 7.26
C ASN A 329 9.40 13.88 5.83
N PHE A 330 8.71 14.91 5.28
CA PHE A 330 8.31 14.97 3.86
C PHE A 330 9.07 16.09 3.17
N ASP A 331 9.13 16.08 1.81
CA ASP A 331 10.01 17.03 1.09
C ASP A 331 9.21 18.17 0.45
N ASP A 332 9.87 19.00 -0.39
CA ASP A 332 9.33 20.29 -0.83
C ASP A 332 8.91 20.30 -2.31
N TYR A 333 7.66 20.74 -2.58
CA TYR A 333 7.05 20.77 -3.90
C TYR A 333 6.52 22.17 -4.19
N GLU A 334 6.49 22.55 -5.49
CA GLU A 334 5.84 23.81 -5.90
C GLU A 334 4.38 23.85 -5.40
N GLU A 335 3.98 24.97 -4.77
CA GLU A 335 2.63 25.10 -4.22
C GLU A 335 1.70 25.66 -5.29
N GLU A 336 0.74 24.85 -5.75
CA GLU A 336 -0.20 25.22 -6.80
C GLU A 336 -1.61 25.43 -6.25
N GLU A 337 -2.44 26.25 -6.95
CA GLU A 337 -3.85 26.46 -6.54
C GLU A 337 -4.69 25.17 -6.49
N ILE A 338 -5.69 25.15 -5.60
CA ILE A 338 -6.80 24.17 -5.63
C ILE A 338 -8.00 24.91 -6.24
N ARG A 339 -8.06 24.91 -7.57
CA ARG A 339 -9.08 25.71 -8.26
C ARG A 339 -10.30 24.85 -8.57
N VAL A 340 -11.48 25.45 -8.35
CA VAL A 340 -12.79 24.78 -8.50
C VAL A 340 -13.64 25.55 -9.51
N SEP A 341 -13.89 24.94 -10.68
CA SEP A 341 -14.63 25.59 -11.77
CB SEP A 341 -14.63 24.63 -12.97
OG SEP A 341 -15.55 24.98 -13.98
C SEP A 341 -16.03 26.03 -11.38
O SEP A 341 -16.66 25.49 -10.45
P SEP A 341 -14.84 25.97 -15.06
O1P SEP A 341 -15.59 25.87 -16.52
O2P SEP A 341 -15.03 27.40 -14.33
O3P SEP A 341 -13.30 25.64 -15.39
N ILE A 342 -16.54 27.10 -12.02
CA ILE A 342 -17.90 27.56 -11.78
CA ILE A 342 -17.89 27.53 -11.73
C ILE A 342 -18.93 26.61 -12.40
N ASN A 343 -18.47 25.73 -13.32
CA ASN A 343 -19.31 24.73 -13.98
C ASN A 343 -18.94 23.30 -13.57
N GLU A 344 -19.95 22.41 -13.41
CA GLU A 344 -19.71 21.02 -13.04
C GLU A 344 -19.04 20.24 -14.18
N LYS A 345 -18.02 19.46 -13.84
CA LYS A 345 -17.31 18.61 -14.81
C LYS A 345 -17.55 17.13 -14.49
N CYS A 346 -17.84 16.35 -15.51
CA CYS A 346 -17.87 14.86 -15.40
C CYS A 346 -18.80 14.36 -14.30
N GLY A 347 -19.96 15.01 -14.14
CA GLY A 347 -20.87 14.64 -13.09
C GLY A 347 -21.34 13.19 -13.20
N LYS A 348 -21.71 12.77 -14.42
CA LYS A 348 -22.25 11.42 -14.61
C LYS A 348 -21.22 10.34 -14.24
N GLU A 349 -19.97 10.51 -14.67
CA GLU A 349 -18.96 9.48 -14.47
C GLU A 349 -18.72 9.18 -12.99
N PHE A 350 -18.89 10.20 -12.13
CA PHE A 350 -18.56 10.10 -10.71
C PHE A 350 -19.81 10.14 -9.79
N THR A 351 -21.00 9.79 -10.32
CA THR A 351 -22.22 9.75 -9.51
C THR A 351 -22.07 8.96 -8.20
N GLU A 352 -21.41 7.80 -8.24
CA GLU A 352 -21.35 6.96 -7.04
C GLU A 352 -20.38 7.46 -5.98
N PHE A 353 -19.49 8.41 -6.30
CA PHE A 353 -18.42 8.80 -5.35
C PHE A 353 -19.02 9.59 -4.17
S DMS B . -21.18 17.51 5.09
O DMS B . -20.96 18.76 5.92
C1 DMS B . -22.94 17.08 5.24
C2 DMS B . -21.31 18.06 3.38
S DMS C . -16.58 -0.34 -7.48
O DMS C . -17.92 0.30 -7.10
C1 DMS C . -17.05 -1.98 -8.08
C2 DMS C . -16.04 0.39 -9.07
S DMS D . -12.27 -7.43 14.23
O DMS D . -11.99 -6.84 12.87
C1 DMS D . -13.88 -6.76 14.69
C2 DMS D . -12.68 -9.15 13.88
S DMS E . 8.86 -9.82 17.85
O DMS E . 7.82 -10.52 17.03
C1 DMS E . 8.76 -10.67 19.44
C2 DMS E . 10.49 -10.43 17.45
C01 A1JE0 F . -7.35 -1.51 -26.76
C02 A1JE0 F . -7.56 -2.51 -24.59
C03 A1JE0 F . -6.79 -3.18 -23.70
C04 A1JE0 F . -6.99 -3.09 -22.37
C05 A1JE0 F . -7.98 -2.30 -21.88
C06 A1JE0 F . -8.76 -1.60 -22.77
C07 A1JE0 F . -8.55 -1.71 -24.10
C08 A1JE0 F . -8.22 -2.17 -20.45
C09 A1JE0 F . -9.21 -1.76 -18.63
C10 A1JE0 F . -10.30 -1.33 -17.71
C11 A1JE0 F . -11.50 -2.24 -17.96
C12 A1JE0 F . -11.17 -3.32 -16.94
C13 A1JE0 F . -10.09 -1.40 -16.18
N01 A1JE0 F . -7.35 -2.51 -19.41
N02 A1JE0 F . -7.97 -2.24 -18.31
N03 A1JE0 F . -10.96 -2.52 -15.73
O01 A1JE0 F . -7.26 -2.67 -25.93
O02 A1JE0 F . -9.41 -1.72 -19.99
S DMS G . -5.46 -12.46 12.73
O DMS G . -5.21 -10.94 12.84
C1 DMS G . -6.06 -12.92 14.38
C2 DMS G . -3.84 -13.26 12.80
C01 A1JE0 H . -1.84 9.27 6.15
C02 A1JE0 H . -0.35 10.58 4.80
C03 A1JE0 H . -0.87 10.00 3.67
C04 A1JE0 H . -0.27 10.10 2.45
C05 A1JE0 H . 0.81 10.89 2.27
C06 A1JE0 H . 1.29 11.55 3.34
C07 A1JE0 H . 0.75 11.37 4.58
C08 A1JE0 H . 1.45 10.99 0.98
C09 A1JE0 H . 2.04 10.68 -1.05
C10 A1JE0 H . 2.18 10.20 -2.48
C11 A1JE0 H . 2.89 11.17 -3.41
C12 A1JE0 H . 4.37 10.79 -3.44
C13 A1JE0 H . 3.04 8.95 -2.64
N01 A1JE0 H . 2.49 11.82 0.68
N02 A1JE0 H . 2.84 11.64 -0.54
N03 A1JE0 H . 4.41 9.39 -3.00
O01 A1JE0 H . -0.96 10.38 6.07
O02 A1JE0 H . 1.16 10.20 -0.08
#